data_8ST9
#
_entry.id   8ST9
#
_cell.length_a   76.269
_cell.length_b   61.023
_cell.length_c   116.188
_cell.angle_alpha   90.000
_cell.angle_beta   99.251
_cell.angle_gamma   90.000
#
_symmetry.space_group_name_H-M   'I 1 2 1'
#
loop_
_entity.id
_entity.type
_entity.pdbx_description
1 polymer 'E3 ubiquitin-protein ligase SopA'
2 polymer Ubiquitin
3 non-polymer prop-2-en-1-amine
4 water water
#
loop_
_entity_poly.entity_id
_entity_poly.type
_entity_poly.pdbx_seq_one_letter_code
_entity_poly.pdbx_strand_id
1 'polypeptide(L)'
;GPNFVSGILDILISDNELKERFIEALNSNKSDYKMIADDQQRKLACVWNPFLDGWELNAQHVDMIMGSHVLKDMPLRKQA
EILFCLGGVFCKYSSSDMFGTEYDSPEILRRYANGLIEQAYKTDPQVFGSVYYYNDILDRLQGRNNVFTCTAVLTDMLTE
HAKESFPEIFSLYYPVAWR
;
A,C
2 'polypeptide(L)' MQIFVKTLTGKTITLEVEPSDTIENVKAKIQDKEGIPPDQQRLIFAGKQLEDGRTLSDYNIQKESTLHLVLRLRG B,D
#
# COMPACT_ATOMS: atom_id res chain seq x y z
N ASN A 3 -10.92 -1.70 -27.13
CA ASN A 3 -9.97 -1.18 -26.13
C ASN A 3 -10.23 -1.75 -24.77
N PHE A 4 -10.13 -3.07 -24.69
CA PHE A 4 -10.39 -3.75 -23.42
C PHE A 4 -9.38 -3.38 -22.35
N VAL A 5 -8.21 -2.85 -22.73
CA VAL A 5 -7.16 -2.64 -21.76
C VAL A 5 -7.42 -1.38 -20.92
N SER A 6 -7.80 -0.27 -21.56
CA SER A 6 -8.12 0.93 -20.82
C SER A 6 -9.30 0.69 -19.88
N GLY A 7 -10.21 -0.20 -20.27
CA GLY A 7 -11.21 -0.68 -19.33
C GLY A 7 -10.60 -1.21 -18.04
N ILE A 8 -9.64 -2.13 -18.17
CA ILE A 8 -9.15 -2.84 -16.99
C ILE A 8 -8.29 -1.92 -16.13
N LEU A 9 -7.46 -1.07 -16.76
CA LEU A 9 -6.73 -0.07 -15.98
C LEU A 9 -7.67 0.85 -15.20
N ASP A 10 -8.84 1.15 -15.77
CA ASP A 10 -9.82 1.98 -15.07
C ASP A 10 -10.19 1.39 -13.72
N ILE A 11 -10.39 0.08 -13.66
CA ILE A 11 -10.73 -0.59 -12.40
C ILE A 11 -9.52 -0.71 -11.48
N LEU A 12 -8.32 -0.90 -12.04
CA LEU A 12 -7.15 -1.32 -11.28
C LEU A 12 -6.41 -0.17 -10.60
N ILE A 13 -6.29 0.98 -11.26
CA ILE A 13 -5.49 2.08 -10.75
C ILE A 13 -6.41 3.14 -10.17
N SER A 14 -6.48 3.25 -8.84
CA SER A 14 -7.38 4.23 -8.25
C SER A 14 -6.88 5.66 -8.47
N ASP A 15 -5.58 5.88 -8.31
CA ASP A 15 -4.99 7.20 -8.53
C ASP A 15 -5.23 7.67 -9.96
N ASN A 16 -5.80 8.88 -10.08
CA ASN A 16 -6.16 9.40 -11.39
C ASN A 16 -4.96 9.88 -12.20
N GLU A 17 -3.92 10.41 -11.55
CA GLU A 17 -2.72 10.78 -12.28
C GLU A 17 -2.05 9.56 -12.87
N LEU A 18 -1.95 8.47 -12.10
CA LEU A 18 -1.26 7.27 -12.57
C LEU A 18 -2.09 6.53 -13.60
N LYS A 19 -3.39 6.35 -13.33
CA LYS A 19 -4.29 5.80 -14.32
C LYS A 19 -4.16 6.54 -15.64
N GLU A 20 -4.20 7.88 -15.59
CA GLU A 20 -3.98 8.68 -16.79
C GLU A 20 -2.68 8.29 -17.48
N ARG A 21 -1.58 8.20 -16.72
CA ARG A 21 -0.30 7.78 -17.31
C ARG A 21 -0.43 6.46 -18.06
N PHE A 22 -1.00 5.44 -17.41
CA PHE A 22 -1.06 4.12 -18.03
C PHE A 22 -1.91 4.13 -19.28
N ILE A 23 -3.03 4.86 -19.25
CA ILE A 23 -3.97 4.83 -20.38
C ILE A 23 -3.44 5.67 -21.54
N GLU A 24 -2.75 6.78 -21.24
CA GLU A 24 -2.12 7.53 -22.32
C GLU A 24 -1.09 6.68 -23.03
N ALA A 25 -0.39 5.81 -22.29
CA ALA A 25 0.69 5.02 -22.87
C ALA A 25 0.19 3.96 -23.84
N LEU A 26 -1.09 3.58 -23.76
CA LEU A 26 -1.69 2.67 -24.72
C LEU A 26 -1.73 3.25 -26.13
N ASN A 27 -1.60 4.57 -26.27
CA ASN A 27 -1.76 5.21 -27.56
C ASN A 27 -0.45 5.51 -28.26
N SER A 28 0.68 5.17 -27.64
CA SER A 28 1.98 5.35 -28.24
C SER A 28 2.79 4.08 -28.06
N ASN A 29 3.75 3.88 -28.97
CA ASN A 29 4.68 2.75 -28.93
C ASN A 29 5.90 3.02 -28.08
N LYS A 30 6.11 4.26 -27.62
CA LYS A 30 7.27 4.60 -26.81
C LYS A 30 6.87 5.67 -25.82
N SER A 31 7.16 5.43 -24.55
CA SER A 31 6.96 6.42 -23.49
C SER A 31 8.31 6.99 -23.07
N ASP A 32 8.35 8.31 -22.89
CA ASP A 32 9.54 8.93 -22.35
C ASP A 32 9.41 9.21 -20.87
N TYR A 33 8.25 8.95 -20.28
CA TYR A 33 8.10 8.91 -18.84
C TYR A 33 8.52 7.53 -18.35
N LYS A 34 9.46 7.48 -17.41
CA LYS A 34 9.98 6.23 -16.88
C LYS A 34 9.56 6.04 -15.44
N MET A 35 9.55 4.77 -15.02
CA MET A 35 9.14 4.44 -13.66
C MET A 35 10.16 3.53 -12.99
N ILE A 36 11.46 3.72 -13.29
CA ILE A 36 12.48 2.92 -12.64
C ILE A 36 13.08 3.59 -11.41
N ALA A 37 12.82 4.88 -11.19
CA ALA A 37 13.36 5.56 -10.00
C ALA A 37 12.69 5.01 -8.74
N ASP A 38 13.42 5.15 -7.62
CA ASP A 38 13.00 4.54 -6.36
C ASP A 38 11.63 5.04 -5.92
N ASP A 39 11.41 6.35 -6.01
CA ASP A 39 10.13 6.90 -5.61
C ASP A 39 9.00 6.34 -6.47
N GLN A 40 9.29 6.11 -7.75
CA GLN A 40 8.27 5.56 -8.64
C GLN A 40 7.99 4.09 -8.31
N GLN A 41 9.03 3.32 -8.01
CA GLN A 41 8.84 1.92 -7.69
C GLN A 41 8.04 1.76 -6.40
N ARG A 42 8.31 2.58 -5.38
CA ARG A 42 7.45 2.55 -4.19
C ARG A 42 6.02 2.98 -4.53
N LYS A 43 5.86 3.97 -5.40
CA LYS A 43 4.51 4.37 -5.81
C LYS A 43 3.75 3.19 -6.37
N LEU A 44 4.28 2.58 -7.44
CA LEU A 44 3.70 1.35 -7.96
C LEU A 44 3.46 0.33 -6.86
N ALA A 45 4.48 0.08 -6.03
CA ALA A 45 4.33 -0.89 -4.95
C ALA A 45 3.11 -0.60 -4.09
N CYS A 46 2.89 0.67 -3.77
CA CYS A 46 1.74 1.03 -2.95
C CYS A 46 0.44 0.65 -3.65
N VAL A 47 0.36 0.88 -4.96
CA VAL A 47 -0.87 0.61 -5.71
C VAL A 47 -1.12 -0.89 -5.83
N TRP A 48 -0.08 -1.66 -6.17
CA TRP A 48 -0.25 -3.01 -6.63
C TRP A 48 0.01 -4.09 -5.59
N ASN A 49 0.64 -3.76 -4.47
CA ASN A 49 0.81 -4.76 -3.42
C ASN A 49 -0.52 -5.39 -3.00
N PRO A 50 -1.62 -4.65 -2.81
CA PRO A 50 -2.89 -5.31 -2.47
C PRO A 50 -3.34 -6.36 -3.48
N PHE A 51 -2.76 -6.41 -4.67
CA PHE A 51 -3.13 -7.42 -5.64
C PHE A 51 -2.14 -8.57 -5.72
N LEU A 52 -0.97 -8.46 -5.10
CA LEU A 52 0.08 -9.44 -5.30
C LEU A 52 0.31 -10.27 -4.04
N ASP A 53 0.92 -11.42 -4.28
CA ASP A 53 1.40 -12.32 -3.24
C ASP A 53 2.75 -12.78 -3.81
N GLY A 54 3.79 -11.99 -3.53
CA GLY A 54 5.05 -12.21 -4.22
C GLY A 54 4.86 -11.99 -5.72
N TRP A 55 5.18 -13.03 -6.49
CA TRP A 55 5.08 -13.01 -7.94
C TRP A 55 3.74 -13.51 -8.45
N GLU A 56 2.79 -13.81 -7.56
CA GLU A 56 1.50 -14.30 -7.99
C GLU A 56 0.41 -13.30 -7.62
N LEU A 57 -0.67 -13.35 -8.38
CA LEU A 57 -1.85 -12.61 -7.98
C LEU A 57 -2.39 -13.18 -6.68
N ASN A 58 -2.89 -12.32 -5.79
CA ASN A 58 -3.47 -12.95 -4.62
C ASN A 58 -4.91 -13.34 -4.93
N ALA A 59 -5.41 -14.29 -4.15
CA ALA A 59 -6.66 -14.94 -4.46
C ALA A 59 -7.83 -13.97 -4.52
N GLN A 60 -7.82 -12.91 -3.69
CA GLN A 60 -8.92 -11.96 -3.77
C GLN A 60 -8.88 -11.19 -5.08
N HIS A 61 -7.68 -10.80 -5.52
CA HIS A 61 -7.57 -10.16 -6.82
C HIS A 61 -8.05 -11.09 -7.92
N VAL A 62 -7.66 -12.37 -7.85
CA VAL A 62 -8.02 -13.30 -8.93
C VAL A 62 -9.53 -13.41 -9.04
N ASP A 63 -10.21 -13.62 -7.89
CA ASP A 63 -11.66 -13.66 -7.90
C ASP A 63 -12.20 -12.42 -8.59
N MET A 64 -11.76 -11.26 -8.12
CA MET A 64 -12.19 -10.00 -8.71
C MET A 64 -11.97 -9.96 -10.20
N ILE A 65 -10.79 -10.36 -10.65
CA ILE A 65 -10.46 -10.16 -12.05
C ILE A 65 -11.26 -11.13 -12.92
N MET A 66 -11.47 -12.36 -12.42
CA MET A 66 -12.23 -13.34 -13.18
C MET A 66 -13.72 -13.01 -13.23
N GLY A 67 -14.20 -12.12 -12.36
CA GLY A 67 -15.57 -11.64 -12.41
C GLY A 67 -15.73 -10.33 -13.13
N SER A 68 -14.64 -9.74 -13.61
CA SER A 68 -14.64 -8.45 -14.27
C SER A 68 -15.50 -8.46 -15.53
N HIS A 69 -15.76 -7.24 -16.05
CA HIS A 69 -16.39 -7.14 -17.36
C HIS A 69 -15.54 -7.82 -18.43
N VAL A 70 -14.26 -8.03 -18.14
CA VAL A 70 -13.34 -8.56 -19.20
C VAL A 70 -13.32 -10.10 -19.25
N LEU A 71 -13.45 -10.79 -18.12
CA LEU A 71 -13.27 -12.27 -18.12
C LEU A 71 -14.48 -13.04 -17.59
N LYS A 72 -15.56 -12.37 -17.20
CA LYS A 72 -16.65 -13.06 -16.44
C LYS A 72 -17.41 -14.20 -17.12
N ASP A 73 -17.87 -14.06 -18.35
CA ASP A 73 -18.75 -15.13 -18.89
C ASP A 73 -18.00 -15.96 -19.92
N MET A 74 -16.71 -15.73 -20.04
CA MET A 74 -15.91 -16.38 -21.10
C MET A 74 -15.60 -17.84 -20.84
N PRO A 75 -15.46 -18.66 -21.89
CA PRO A 75 -14.99 -20.03 -21.73
C PRO A 75 -13.54 -20.01 -21.22
N LEU A 76 -13.10 -21.08 -20.57
CA LEU A 76 -11.75 -21.13 -19.98
C LEU A 76 -10.68 -20.68 -20.98
N ARG A 77 -10.70 -21.26 -22.19
CA ARG A 77 -9.64 -21.01 -23.17
C ARG A 77 -9.54 -19.52 -23.48
N LYS A 78 -10.68 -18.87 -23.75
CA LYS A 78 -10.66 -17.42 -23.98
C LYS A 78 -10.14 -16.69 -22.75
N GLN A 79 -10.71 -17.02 -21.58
CA GLN A 79 -10.19 -16.46 -20.34
C GLN A 79 -8.69 -16.54 -20.33
N ALA A 80 -8.15 -17.75 -20.54
CA ALA A 80 -6.71 -17.92 -20.57
C ALA A 80 -6.09 -17.05 -21.65
N GLU A 81 -6.64 -17.09 -22.87
CA GLU A 81 -6.08 -16.28 -23.95
C GLU A 81 -6.10 -14.80 -23.59
N ILE A 82 -7.21 -14.33 -23.00
CA ILE A 82 -7.31 -12.93 -22.59
C ILE A 82 -6.28 -12.62 -21.52
N LEU A 83 -6.20 -13.47 -20.50
CA LEU A 83 -5.21 -13.26 -19.45
C LEU A 83 -3.80 -13.26 -20.04
N PHE A 84 -3.53 -14.01 -21.10
CA PHE A 84 -2.15 -14.07 -21.67
C PHE A 84 -1.76 -12.70 -22.21
N CYS A 85 -2.67 -12.07 -22.95
CA CYS A 85 -2.39 -10.75 -23.57
C CYS A 85 -2.16 -9.68 -22.49
N LEU A 86 -2.89 -9.76 -21.38
CA LEU A 86 -2.73 -8.80 -20.25
C LEU A 86 -1.34 -8.94 -19.64
N GLY A 87 -0.83 -10.15 -19.54
CA GLY A 87 0.55 -10.36 -19.09
C GLY A 87 1.53 -9.73 -20.05
N GLY A 88 1.25 -9.85 -21.35
CA GLY A 88 2.06 -9.18 -22.37
C GLY A 88 2.01 -7.67 -22.25
N VAL A 89 0.85 -7.11 -21.91
CA VAL A 89 0.67 -5.64 -21.75
C VAL A 89 1.55 -5.12 -20.60
N PHE A 90 1.53 -5.80 -19.46
CA PHE A 90 2.33 -5.38 -18.29
C PHE A 90 3.80 -5.63 -18.58
N CYS A 91 4.09 -6.65 -19.39
CA CYS A 91 5.48 -6.90 -19.82
C CYS A 91 5.90 -5.73 -20.69
N LYS A 92 5.08 -5.35 -21.66
CA LYS A 92 5.42 -4.14 -22.40
C LYS A 92 5.60 -2.94 -21.44
N TYR A 93 4.59 -2.65 -20.61
CA TYR A 93 4.68 -1.54 -19.69
C TYR A 93 6.01 -1.54 -18.93
N SER A 94 6.48 -2.73 -18.54
CA SER A 94 7.74 -2.80 -17.80
C SER A 94 8.95 -2.63 -18.71
N SER A 95 8.78 -2.71 -20.01
CA SER A 95 9.94 -2.78 -20.88
C SER A 95 10.52 -1.38 -21.14
N SER A 96 11.60 -1.37 -21.90
CA SER A 96 12.37 -0.19 -22.28
C SER A 96 11.66 0.73 -23.25
N ASP A 97 10.57 0.30 -23.85
CA ASP A 97 9.82 1.22 -24.71
C ASP A 97 8.77 1.98 -23.92
N MET A 98 8.43 1.53 -22.72
CA MET A 98 7.36 2.12 -21.93
C MET A 98 7.94 2.74 -20.66
N PHE A 99 7.62 2.12 -19.52
CA PHE A 99 8.03 2.67 -18.24
C PHE A 99 9.40 2.15 -17.79
N GLY A 100 10.00 1.22 -18.55
CA GLY A 100 11.30 0.70 -18.22
C GLY A 100 12.39 1.36 -19.05
N THR A 101 13.64 0.95 -18.78
CA THR A 101 14.80 1.40 -19.52
C THR A 101 15.61 0.20 -20.00
N GLU A 102 16.71 0.49 -20.68
CA GLU A 102 17.55 -0.57 -21.25
C GLU A 102 18.04 -1.52 -20.16
N TYR A 103 18.40 -0.97 -19.00
CA TYR A 103 18.99 -1.76 -17.93
C TYR A 103 18.12 -1.90 -16.70
N ASP A 104 16.89 -1.39 -16.72
CA ASP A 104 16.06 -1.37 -15.53
C ASP A 104 14.60 -1.39 -15.95
N SER A 105 13.74 -1.84 -15.04
CA SER A 105 12.30 -1.86 -15.29
C SER A 105 11.56 -1.75 -13.96
N PRO A 106 10.30 -1.25 -13.99
CA PRO A 106 9.50 -1.23 -12.75
C PRO A 106 9.22 -2.61 -12.20
N GLU A 107 9.88 -2.95 -11.08
CA GLU A 107 9.82 -4.32 -10.58
C GLU A 107 8.39 -4.79 -10.36
N ILE A 108 7.52 -3.89 -9.88
CA ILE A 108 6.14 -4.26 -9.57
C ILE A 108 5.40 -4.67 -10.83
N LEU A 109 5.62 -3.97 -11.94
CA LEU A 109 4.90 -4.32 -13.17
C LEU A 109 5.35 -5.68 -13.70
N ARG A 110 6.59 -6.08 -13.41
CA ARG A 110 7.02 -7.42 -13.79
C ARG A 110 6.31 -8.47 -12.95
N ARG A 111 6.09 -8.19 -11.67
CA ARG A 111 5.41 -9.16 -10.83
C ARG A 111 3.94 -9.26 -11.21
N TYR A 112 3.31 -8.13 -11.57
CA TYR A 112 1.92 -8.20 -12.02
C TYR A 112 1.81 -8.90 -13.36
N ALA A 113 2.74 -8.65 -14.27
CA ALA A 113 2.73 -9.37 -15.54
C ALA A 113 2.91 -10.87 -15.30
N ASN A 114 3.77 -11.21 -14.33
CA ASN A 114 4.02 -12.62 -14.01
C ASN A 114 2.81 -13.25 -13.36
N GLY A 115 2.15 -12.51 -12.47
CA GLY A 115 0.96 -13.05 -11.85
C GLY A 115 -0.13 -13.31 -12.87
N LEU A 116 -0.17 -12.51 -13.93
CA LEU A 116 -1.20 -12.75 -14.94
C LEU A 116 -0.83 -13.94 -15.81
N ILE A 117 0.44 -14.06 -16.21
CA ILE A 117 0.88 -15.21 -16.99
C ILE A 117 0.68 -16.49 -16.19
N GLU A 118 1.15 -16.50 -14.94
CA GLU A 118 0.91 -17.67 -14.09
C GLU A 118 -0.58 -17.95 -13.94
N GLN A 119 -1.38 -16.92 -13.78
CA GLN A 119 -2.83 -17.13 -13.68
C GLN A 119 -3.39 -17.72 -14.95
N ALA A 120 -2.85 -17.33 -16.10
CA ALA A 120 -3.37 -17.86 -17.36
C ALA A 120 -3.04 -19.35 -17.49
N TYR A 121 -1.86 -19.75 -17.02
CA TYR A 121 -1.52 -21.17 -17.05
C TYR A 121 -2.47 -21.98 -16.19
N LYS A 122 -2.85 -21.42 -15.03
CA LYS A 122 -3.81 -22.11 -14.17
C LYS A 122 -5.18 -22.23 -14.81
N THR A 123 -5.56 -21.28 -15.67
CA THR A 123 -6.90 -21.29 -16.25
C THR A 123 -7.01 -22.29 -17.40
N ASP A 124 -6.07 -22.22 -18.36
CA ASP A 124 -5.94 -23.23 -19.40
C ASP A 124 -4.51 -23.29 -19.92
N PRO A 125 -3.69 -24.24 -19.42
CA PRO A 125 -2.29 -24.30 -19.86
C PRO A 125 -2.10 -24.60 -21.34
N GLN A 126 -3.14 -25.01 -22.07
CA GLN A 126 -2.97 -25.30 -23.50
C GLN A 126 -2.57 -24.05 -24.27
N VAL A 127 -2.94 -22.87 -23.74
CA VAL A 127 -2.69 -21.61 -24.42
C VAL A 127 -1.20 -21.40 -24.65
N PHE A 128 -0.36 -21.96 -23.79
CA PHE A 128 1.08 -21.79 -23.95
C PHE A 128 1.69 -22.81 -24.91
N GLY A 129 1.06 -23.96 -25.12
CA GLY A 129 1.57 -24.93 -26.07
C GLY A 129 2.78 -25.74 -25.62
N SER A 130 3.46 -25.35 -24.53
CA SER A 130 4.59 -26.10 -24.02
C SER A 130 4.94 -25.60 -22.64
N VAL A 131 5.15 -26.52 -21.69
CA VAL A 131 5.48 -26.12 -20.33
C VAL A 131 6.84 -25.45 -20.28
N TYR A 132 7.73 -25.81 -21.19
CA TYR A 132 9.04 -25.18 -21.25
C TYR A 132 8.94 -23.70 -21.62
N TYR A 133 8.00 -23.35 -22.53
CA TYR A 133 7.74 -21.95 -22.88
C TYR A 133 7.18 -21.19 -21.68
N TYR A 134 6.18 -21.76 -21.01
CA TYR A 134 5.62 -21.14 -19.81
C TYR A 134 6.70 -20.83 -18.78
N ASN A 135 7.71 -21.70 -18.66
CA ASN A 135 8.74 -21.51 -17.65
C ASN A 135 9.85 -20.58 -18.11
N ASP A 136 10.11 -20.51 -19.42
CA ASP A 136 11.04 -19.49 -19.89
C ASP A 136 10.43 -18.10 -19.73
N ILE A 137 9.13 -17.96 -19.98
CA ILE A 137 8.46 -16.70 -19.73
C ILE A 137 8.60 -16.30 -18.26
N LEU A 138 8.35 -17.25 -17.35
CA LEU A 138 8.50 -16.92 -15.93
C LEU A 138 9.95 -16.59 -15.60
N ASP A 139 10.88 -17.38 -16.13
CA ASP A 139 12.30 -17.15 -15.87
C ASP A 139 12.75 -15.79 -16.35
N ARG A 140 12.17 -15.28 -17.45
CA ARG A 140 12.58 -13.97 -17.95
C ARG A 140 11.97 -12.84 -17.13
N LEU A 141 10.70 -12.97 -16.72
CA LEU A 141 10.10 -11.94 -15.86
C LEU A 141 10.78 -11.87 -14.49
N GLN A 142 11.25 -13.00 -13.95
CA GLN A 142 11.77 -13.08 -12.59
C GLN A 142 13.29 -13.04 -12.48
N GLY A 143 14.03 -13.20 -13.57
CA GLY A 143 15.47 -13.24 -13.46
C GLY A 143 16.08 -14.58 -13.10
N ARG A 144 15.34 -15.69 -13.14
CA ARG A 144 15.86 -16.98 -12.71
C ARG A 144 16.67 -17.67 -13.83
N ASN A 145 17.54 -18.59 -13.40
CA ASN A 145 18.29 -19.49 -14.27
C ASN A 145 19.09 -18.77 -15.35
N ASN A 146 19.59 -17.59 -15.00
CA ASN A 146 20.58 -16.86 -15.82
C ASN A 146 20.07 -16.50 -17.21
N VAL A 147 18.78 -16.40 -17.42
CA VAL A 147 18.26 -16.05 -18.74
C VAL A 147 18.29 -14.53 -18.91
N PHE A 148 18.34 -14.08 -20.16
CA PHE A 148 18.29 -12.65 -20.41
C PHE A 148 16.96 -12.09 -19.94
N THR A 149 17.00 -10.97 -19.22
CA THR A 149 15.80 -10.48 -18.56
C THR A 149 14.98 -9.51 -19.39
N CYS A 150 15.48 -9.13 -20.58
CA CYS A 150 14.96 -7.97 -21.30
C CYS A 150 13.46 -8.13 -21.60
N THR A 151 12.64 -7.27 -21.01
CA THR A 151 11.20 -7.38 -21.23
C THR A 151 10.77 -6.87 -22.61
N ALA A 152 11.54 -5.96 -23.22
CA ALA A 152 11.31 -5.68 -24.63
C ALA A 152 11.42 -6.96 -25.46
N VAL A 153 12.39 -7.82 -25.12
CA VAL A 153 12.51 -9.09 -25.85
C VAL A 153 11.36 -10.01 -25.49
N LEU A 154 11.09 -10.18 -24.19
CA LEU A 154 9.97 -11.03 -23.76
C LEU A 154 8.66 -10.62 -24.41
N THR A 155 8.36 -9.32 -24.43
CA THR A 155 7.14 -8.82 -25.05
C THR A 155 6.99 -9.31 -26.49
N ASP A 156 8.05 -9.20 -27.29
CA ASP A 156 8.00 -9.74 -28.65
C ASP A 156 7.68 -11.24 -28.64
N MET A 157 8.32 -12.02 -27.77
CA MET A 157 8.03 -13.45 -27.75
C MET A 157 6.57 -13.70 -27.41
N LEU A 158 5.98 -12.85 -26.56
CA LEU A 158 4.58 -13.08 -26.21
C LEU A 158 3.64 -12.65 -27.34
N THR A 159 3.88 -11.51 -27.98
CA THR A 159 2.92 -11.07 -29.00
C THR A 159 2.99 -11.97 -30.23
N GLU A 160 4.17 -12.55 -30.49
CA GLU A 160 4.30 -13.46 -31.63
C GLU A 160 3.51 -14.73 -31.40
N HIS A 161 3.54 -15.26 -30.17
CA HIS A 161 2.71 -16.40 -29.83
C HIS A 161 1.23 -16.03 -29.93
N ALA A 162 0.84 -14.90 -29.35
CA ALA A 162 -0.56 -14.51 -29.42
C ALA A 162 -0.99 -14.32 -30.88
N LYS A 163 -0.14 -13.71 -31.69
CA LYS A 163 -0.53 -13.36 -33.06
C LYS A 163 -0.79 -14.58 -33.92
N GLU A 164 -0.07 -15.68 -33.67
CA GLU A 164 -0.25 -16.90 -34.44
C GLU A 164 -1.19 -17.89 -33.77
N SER A 165 -1.16 -18.01 -32.45
CA SER A 165 -2.00 -19.02 -31.80
C SER A 165 -3.45 -18.53 -31.67
N PHE A 166 -3.66 -17.31 -31.20
CA PHE A 166 -5.01 -16.79 -31.00
C PHE A 166 -5.14 -15.37 -31.53
N PRO A 167 -5.22 -15.21 -32.86
CA PRO A 167 -5.11 -13.87 -33.44
C PRO A 167 -6.30 -12.96 -33.16
N GLU A 168 -7.53 -13.48 -33.18
CA GLU A 168 -8.70 -12.66 -32.83
C GLU A 168 -8.54 -12.02 -31.46
N ILE A 169 -8.30 -12.85 -30.45
CA ILE A 169 -8.15 -12.34 -29.08
C ILE A 169 -7.02 -11.31 -29.04
N PHE A 170 -5.86 -11.67 -29.58
CA PHE A 170 -4.73 -10.76 -29.56
C PHE A 170 -5.08 -9.42 -30.20
N SER A 171 -5.74 -9.46 -31.36
CA SER A 171 -6.09 -8.24 -32.08
C SER A 171 -7.01 -7.35 -31.26
N LEU A 172 -7.92 -7.95 -30.50
CA LEU A 172 -8.88 -7.20 -29.71
C LEU A 172 -8.38 -6.82 -28.34
N TYR A 173 -7.52 -7.65 -27.75
CA TYR A 173 -7.12 -7.47 -26.36
C TYR A 173 -5.69 -6.99 -26.19
N TYR A 174 -5.02 -6.58 -27.28
CA TYR A 174 -3.68 -6.04 -27.20
C TYR A 174 -3.63 -4.70 -27.92
N PRO A 175 -3.03 -3.68 -27.33
CA PRO A 175 -3.23 -2.31 -27.81
C PRO A 175 -2.75 -2.13 -29.25
N VAL A 176 -3.63 -1.53 -30.05
CA VAL A 176 -3.37 -1.36 -31.49
C VAL A 176 -2.03 -0.67 -31.72
N ALA A 177 -1.79 0.45 -31.02
CA ALA A 177 -0.55 1.21 -31.21
C ALA A 177 0.69 0.37 -30.93
N TRP A 178 0.54 -0.78 -30.29
CA TRP A 178 1.69 -1.55 -29.85
C TRP A 178 2.02 -2.73 -30.74
N ARG A 179 1.10 -3.19 -31.58
CA ARG A 179 1.48 -4.21 -32.53
C ARG A 179 2.47 -3.62 -33.52
N MET B 1 26.87 -8.55 13.41
CA MET B 1 25.79 -7.62 13.62
C MET B 1 24.69 -7.87 12.59
N GLN B 2 23.42 -7.86 13.02
CA GLN B 2 22.33 -8.09 12.08
C GLN B 2 21.96 -6.80 11.34
N ILE B 3 21.59 -6.97 10.07
CA ILE B 3 20.86 -5.95 9.32
C ILE B 3 19.67 -6.62 8.64
N PHE B 4 18.80 -5.79 8.07
CA PHE B 4 17.61 -6.28 7.38
C PHE B 4 17.54 -5.69 5.99
N VAL B 5 17.09 -6.49 5.05
CA VAL B 5 16.97 -6.12 3.65
C VAL B 5 15.51 -6.35 3.27
N LYS B 6 14.79 -5.26 3.01
CA LYS B 6 13.37 -5.31 2.71
C LYS B 6 13.13 -5.21 1.21
N THR B 7 12.20 -6.02 0.71
CA THR B 7 11.79 -5.96 -0.68
C THR B 7 10.58 -5.04 -0.84
N LEU B 8 10.23 -4.78 -2.10
CA LEU B 8 9.11 -3.88 -2.39
C LEU B 8 7.78 -4.42 -1.87
N THR B 9 7.68 -5.72 -1.59
CA THR B 9 6.42 -6.30 -1.15
C THR B 9 6.29 -6.39 0.37
N GLY B 10 7.34 -6.11 1.13
CA GLY B 10 7.27 -6.16 2.58
C GLY B 10 8.09 -7.28 3.19
N LYS B 11 8.57 -8.23 2.40
CA LYS B 11 9.39 -9.33 2.90
C LYS B 11 10.69 -8.79 3.48
N THR B 12 11.12 -9.39 4.59
CA THR B 12 12.32 -8.97 5.30
C THR B 12 13.23 -10.19 5.47
N ILE B 13 14.37 -10.18 4.82
CA ILE B 13 15.39 -11.20 5.07
C ILE B 13 16.51 -10.55 5.89
N THR B 14 17.13 -11.33 6.76
CA THR B 14 18.13 -10.78 7.68
C THR B 14 19.49 -11.36 7.36
N LEU B 15 20.53 -10.52 7.46
CA LEU B 15 21.91 -10.91 7.27
C LEU B 15 22.73 -10.70 8.54
N GLU B 16 23.81 -11.45 8.63
CA GLU B 16 24.85 -11.19 9.62
C GLU B 16 25.99 -10.51 8.88
N VAL B 17 26.48 -9.38 9.42
CA VAL B 17 27.42 -8.53 8.71
C VAL B 17 28.35 -7.86 9.69
N GLU B 18 29.43 -7.28 9.15
CA GLU B 18 30.36 -6.39 9.80
C GLU B 18 30.29 -5.02 9.13
N PRO B 19 30.52 -3.94 9.88
CA PRO B 19 30.52 -2.60 9.28
C PRO B 19 31.54 -2.42 8.18
N SER B 20 32.61 -3.21 8.15
CA SER B 20 33.65 -3.09 7.12
C SER B 20 33.36 -3.94 5.89
N ASP B 21 32.26 -4.68 5.88
CA ASP B 21 31.81 -5.40 4.69
C ASP B 21 31.61 -4.44 3.53
N THR B 22 32.04 -4.86 2.35
CA THR B 22 31.72 -4.09 1.16
C THR B 22 30.31 -4.40 0.67
N ILE B 23 29.82 -3.53 -0.22
CA ILE B 23 28.49 -3.74 -0.78
C ILE B 23 28.48 -4.97 -1.65
N GLU B 24 29.55 -5.21 -2.41
CA GLU B 24 29.72 -6.49 -3.08
C GLU B 24 29.51 -7.64 -2.11
N ASN B 25 30.15 -7.57 -0.93
CA ASN B 25 30.03 -8.67 0.01
C ASN B 25 28.60 -8.82 0.54
N VAL B 26 27.90 -7.71 0.74
CA VAL B 26 26.54 -7.80 1.25
C VAL B 26 25.62 -8.45 0.21
N LYS B 27 25.69 -7.97 -1.04
CA LYS B 27 24.92 -8.58 -2.11
C LYS B 27 25.23 -10.06 -2.23
N ALA B 28 26.46 -10.46 -1.93
CA ALA B 28 26.84 -11.87 -2.01
C ALA B 28 26.11 -12.70 -0.96
N LYS B 29 25.96 -12.18 0.25
CA LYS B 29 25.24 -12.92 1.27
C LYS B 29 23.76 -13.04 0.93
N ILE B 30 23.21 -12.06 0.21
CA ILE B 30 21.83 -12.19 -0.27
C ILE B 30 21.75 -13.25 -1.36
N GLN B 31 22.80 -13.40 -2.16
CA GLN B 31 22.80 -14.48 -3.14
C GLN B 31 22.98 -15.83 -2.46
N ASP B 32 23.72 -15.87 -1.34
CA ASP B 32 23.78 -17.09 -0.53
C ASP B 32 22.43 -17.44 0.06
N LYS B 33 21.73 -16.44 0.60
CA LYS B 33 20.47 -16.73 1.28
C LYS B 33 19.30 -16.83 0.31
N GLU B 34 19.30 -16.08 -0.78
CA GLU B 34 18.10 -15.99 -1.61
C GLU B 34 18.32 -16.23 -3.08
N GLY B 35 19.53 -16.59 -3.51
CA GLY B 35 19.74 -16.92 -4.91
C GLY B 35 19.65 -15.78 -5.91
N ILE B 36 19.41 -14.55 -5.45
CA ILE B 36 19.37 -13.38 -6.33
C ILE B 36 20.80 -12.96 -6.70
N PRO B 37 21.16 -12.95 -7.98
CA PRO B 37 22.53 -12.59 -8.34
C PRO B 37 22.84 -11.15 -8.01
N PRO B 38 24.10 -10.83 -7.70
CA PRO B 38 24.43 -9.45 -7.28
C PRO B 38 24.07 -8.38 -8.30
N ASP B 39 24.37 -8.62 -9.59
CA ASP B 39 24.04 -7.63 -10.63
C ASP B 39 22.54 -7.40 -10.78
N GLN B 40 21.70 -8.16 -10.07
CA GLN B 40 20.26 -7.98 -10.00
C GLN B 40 19.83 -7.18 -8.78
N GLN B 41 20.79 -6.81 -7.92
CA GLN B 41 20.48 -6.24 -6.61
C GLN B 41 20.81 -4.76 -6.60
N ARG B 42 19.77 -3.94 -6.54
CA ARG B 42 19.87 -2.52 -6.28
C ARG B 42 19.53 -2.33 -4.80
N LEU B 43 20.52 -1.97 -3.99
CA LEU B 43 20.32 -1.77 -2.56
C LEU B 43 20.27 -0.28 -2.25
N ILE B 44 19.38 0.09 -1.31
CA ILE B 44 19.17 1.48 -0.94
C ILE B 44 19.26 1.60 0.56
N PHE B 45 19.81 2.73 1.05
CA PHE B 45 19.72 3.13 2.46
C PHE B 45 19.55 4.63 2.60
N ALA B 46 18.50 5.04 3.28
CA ALA B 46 18.27 6.45 3.59
C ALA B 46 18.26 7.30 2.32
N GLY B 47 17.55 6.79 1.31
CA GLY B 47 17.43 7.49 0.05
C GLY B 47 18.66 7.43 -0.81
N LYS B 48 19.65 6.61 -0.46
CA LYS B 48 20.93 6.60 -1.12
C LYS B 48 21.20 5.20 -1.70
N GLN B 49 21.68 5.16 -2.94
CA GLN B 49 21.99 3.90 -3.58
C GLN B 49 23.36 3.40 -3.16
N LEU B 50 23.44 2.14 -2.79
CA LEU B 50 24.66 1.59 -2.21
C LEU B 50 25.57 1.16 -3.35
N GLU B 51 26.64 1.93 -3.58
CA GLU B 51 27.60 1.67 -4.65
C GLU B 51 28.56 0.55 -4.24
N ASP B 52 29.17 -0.09 -5.25
CA ASP B 52 29.81 -1.38 -5.01
C ASP B 52 31.17 -1.25 -4.34
N GLY B 53 31.88 -0.14 -4.54
CA GLY B 53 33.19 -0.09 -3.93
C GLY B 53 33.18 0.17 -2.44
N ARG B 54 32.03 0.47 -1.88
CA ARG B 54 31.93 1.07 -0.56
C ARG B 54 31.55 0.04 0.49
N THR B 55 31.66 0.45 1.75
CA THR B 55 31.35 -0.38 2.91
C THR B 55 30.05 0.09 3.57
N LEU B 56 29.57 -0.73 4.51
CA LEU B 56 28.43 -0.30 5.31
C LEU B 56 28.79 0.94 6.13
N SER B 57 29.98 0.93 6.73
CA SER B 57 30.45 2.08 7.47
C SER B 57 30.50 3.34 6.61
N ASP B 58 30.72 3.19 5.30
CA ASP B 58 30.78 4.36 4.45
C ASP B 58 29.45 5.09 4.42
N TYR B 59 28.35 4.37 4.59
CA TYR B 59 27.00 4.93 4.56
C TYR B 59 26.40 5.07 5.94
N ASN B 60 27.22 5.00 6.99
CA ASN B 60 26.74 5.04 8.37
C ASN B 60 25.61 4.03 8.56
N ILE B 61 25.83 2.82 8.08
CA ILE B 61 24.91 1.73 8.32
C ILE B 61 25.29 1.03 9.61
N GLN B 62 24.32 0.84 10.49
CA GLN B 62 24.57 0.42 11.85
C GLN B 62 23.78 -0.84 12.17
N LYS B 63 23.99 -1.37 13.38
CA LYS B 63 23.33 -2.60 13.79
C LYS B 63 21.82 -2.46 13.68
N GLU B 64 21.20 -3.48 13.07
CA GLU B 64 19.75 -3.57 12.87
C GLU B 64 19.19 -2.47 11.97
N SER B 65 20.04 -1.82 11.18
CA SER B 65 19.57 -1.00 10.07
C SER B 65 18.76 -1.84 9.09
N THR B 66 17.81 -1.21 8.42
CA THR B 66 17.00 -1.86 7.39
C THR B 66 17.31 -1.23 6.05
N LEU B 67 17.77 -2.05 5.11
CA LEU B 67 18.04 -1.64 3.73
C LEU B 67 16.87 -2.08 2.85
N HIS B 68 16.71 -1.39 1.73
CA HIS B 68 15.65 -1.71 0.78
C HIS B 68 16.25 -2.31 -0.48
N LEU B 69 15.74 -3.46 -0.89
CA LEU B 69 16.17 -4.12 -2.10
C LEU B 69 15.14 -3.90 -3.18
N VAL B 70 15.57 -3.39 -4.34
CA VAL B 70 14.74 -3.33 -5.54
C VAL B 70 15.46 -4.10 -6.63
N LEU B 71 14.78 -5.07 -7.22
CA LEU B 71 15.40 -5.90 -8.24
C LEU B 71 15.73 -5.08 -9.48
N ARG B 72 16.97 -5.24 -9.99
CA ARG B 72 17.42 -4.56 -11.21
C ARG B 72 17.38 -5.56 -12.37
N LEU B 73 16.26 -5.56 -13.08
CA LEU B 73 16.04 -6.45 -14.21
C LEU B 73 15.86 -5.59 -15.45
N ARG B 74 16.46 -6.01 -16.56
CA ARG B 74 16.54 -5.13 -17.72
C ARG B 74 15.18 -4.94 -18.35
N GLY B 75 14.97 -3.75 -18.90
CA GLY B 75 13.76 -3.49 -19.66
C GLY B 75 13.99 -3.68 -21.15
N PRO C 2 -2.97 -15.61 25.86
CA PRO C 2 -2.73 -14.29 26.47
C PRO C 2 -2.21 -13.21 25.48
N ASN C 3 -1.63 -13.64 24.37
CA ASN C 3 -1.05 -12.70 23.41
C ASN C 3 -1.83 -12.69 22.10
N PHE C 4 -3.08 -12.26 22.14
CA PHE C 4 -3.82 -12.25 20.88
C PHE C 4 -3.51 -11.03 20.04
N VAL C 5 -3.14 -9.91 20.67
CA VAL C 5 -2.96 -8.69 19.89
C VAL C 5 -1.84 -8.86 18.88
N SER C 6 -0.68 -9.33 19.36
CA SER C 6 0.49 -9.54 18.49
C SER C 6 0.13 -10.39 17.29
N GLY C 7 -0.56 -11.49 17.51
CA GLY C 7 -1.00 -12.32 16.39
C GLY C 7 -1.90 -11.56 15.43
N ILE C 8 -2.64 -10.58 15.94
CA ILE C 8 -3.53 -9.80 15.08
C ILE C 8 -2.72 -8.87 14.17
N LEU C 9 -1.77 -8.11 14.73
CA LEU C 9 -0.93 -7.26 13.91
C LEU C 9 -0.26 -8.07 12.82
N ASP C 10 0.13 -9.29 13.15
CA ASP C 10 0.81 -10.16 12.21
C ASP C 10 -0.05 -10.51 11.01
N ILE C 11 -1.37 -10.59 11.22
CA ILE C 11 -2.30 -10.80 10.12
C ILE C 11 -2.51 -9.51 9.34
N LEU C 12 -2.49 -8.37 10.02
CA LEU C 12 -2.92 -7.13 9.39
C LEU C 12 -1.82 -6.48 8.57
N ILE C 13 -0.57 -6.53 9.04
CA ILE C 13 0.53 -5.77 8.48
C ILE C 13 1.41 -6.72 7.67
N SER C 14 1.17 -6.77 6.35
CA SER C 14 2.05 -7.53 5.47
C SER C 14 3.47 -7.01 5.52
N ASP C 15 3.65 -5.72 5.84
CA ASP C 15 4.97 -5.07 5.83
C ASP C 15 5.75 -5.47 7.07
N ASN C 16 6.86 -6.18 6.87
CA ASN C 16 7.56 -6.76 8.01
C ASN C 16 8.24 -5.70 8.85
N GLU C 17 8.82 -4.68 8.22
CA GLU C 17 9.44 -3.64 9.02
C GLU C 17 8.41 -2.94 9.88
N LEU C 18 7.27 -2.59 9.27
CA LEU C 18 6.21 -1.86 9.98
C LEU C 18 5.55 -2.73 11.05
N LYS C 19 5.22 -3.98 10.70
CA LYS C 19 4.70 -4.95 11.66
C LYS C 19 5.54 -5.04 12.93
N GLU C 20 6.86 -5.08 12.76
CA GLU C 20 7.73 -5.27 13.92
C GLU C 20 7.73 -4.04 14.81
N ARG C 21 7.63 -2.85 14.20
CA ARG C 21 7.44 -1.63 14.98
C ARG C 21 6.19 -1.72 15.85
N PHE C 22 5.05 -2.07 15.24
CA PHE C 22 3.82 -2.15 16.01
C PHE C 22 3.93 -3.21 17.09
N ILE C 23 4.49 -4.38 16.75
CA ILE C 23 4.57 -5.44 17.75
C ILE C 23 5.50 -5.04 18.87
N GLU C 24 6.64 -4.44 18.53
CA GLU C 24 7.59 -4.05 19.56
C GLU C 24 6.98 -3.02 20.51
N ALA C 25 6.24 -2.04 19.99
CA ALA C 25 5.53 -1.05 20.80
C ALA C 25 4.61 -1.67 21.86
N LEU C 26 4.29 -2.97 21.73
CA LEU C 26 3.42 -3.64 22.69
C LEU C 26 4.10 -3.98 24.02
N ASN C 27 5.43 -3.98 24.09
CA ASN C 27 6.13 -4.35 25.31
C ASN C 27 6.40 -3.15 26.22
N SER C 28 5.70 -2.03 26.02
CA SER C 28 5.95 -0.84 26.81
C SER C 28 4.77 0.12 26.73
N ASN C 29 4.63 0.94 27.76
CA ASN C 29 3.59 1.96 27.83
C ASN C 29 3.85 3.17 26.93
N LYS C 30 5.06 3.31 26.38
CA LYS C 30 5.39 4.52 25.62
C LYS C 30 6.31 4.20 24.45
N SER C 31 6.24 5.03 23.40
CA SER C 31 7.10 4.93 22.24
C SER C 31 7.63 6.30 21.84
N ASP C 32 8.96 6.40 21.70
CA ASP C 32 9.57 7.62 21.16
C ASP C 32 9.54 7.64 19.65
N TYR C 33 9.33 6.50 19.00
CA TYR C 33 9.13 6.49 17.56
C TYR C 33 7.75 7.06 17.25
N LYS C 34 7.70 8.10 16.42
CA LYS C 34 6.43 8.68 16.03
C LYS C 34 6.17 8.41 14.57
N MET C 35 4.90 8.54 14.20
CA MET C 35 4.44 8.37 12.82
C MET C 35 3.51 9.50 12.45
N ILE C 36 3.76 10.70 12.97
CA ILE C 36 2.96 11.86 12.57
C ILE C 36 3.52 12.61 11.37
N ALA C 37 4.79 12.37 11.02
CA ALA C 37 5.36 12.95 9.80
C ALA C 37 4.60 12.47 8.58
N ASP C 38 4.75 13.20 7.47
CA ASP C 38 3.96 12.92 6.26
C ASP C 38 4.35 11.61 5.59
N ASP C 39 5.64 11.36 5.42
CA ASP C 39 5.98 10.13 4.73
C ASP C 39 5.61 8.92 5.57
N GLN C 40 5.60 9.07 6.89
CA GLN C 40 5.12 7.98 7.74
C GLN C 40 3.61 7.82 7.63
N GLN C 41 2.89 8.93 7.48
CA GLN C 41 1.44 8.84 7.44
C GLN C 41 0.98 8.28 6.10
N ARG C 42 1.77 8.53 5.05
CA ARG C 42 1.48 7.92 3.76
C ARG C 42 1.85 6.44 3.75
N LYS C 43 2.86 6.05 4.52
CA LYS C 43 3.21 4.65 4.65
C LYS C 43 2.05 3.87 5.30
N LEU C 44 1.58 4.35 6.44
CA LEU C 44 0.36 3.83 7.05
C LEU C 44 -0.76 3.72 6.02
N ALA C 45 -1.01 4.81 5.29
CA ALA C 45 -2.10 4.82 4.31
C ALA C 45 -1.97 3.67 3.33
N CYS C 46 -0.78 3.50 2.75
CA CYS C 46 -0.55 2.40 1.80
C CYS C 46 -0.92 1.05 2.40
N VAL C 47 -0.54 0.84 3.67
CA VAL C 47 -0.75 -0.45 4.33
C VAL C 47 -2.21 -0.62 4.76
N TRP C 48 -2.87 0.44 5.22
CA TRP C 48 -4.22 0.32 5.75
C TRP C 48 -5.32 0.71 4.79
N ASN C 49 -5.04 1.46 3.73
CA ASN C 49 -6.11 1.86 2.82
C ASN C 49 -6.91 0.70 2.27
N PRO C 50 -6.32 -0.46 1.92
CA PRO C 50 -7.16 -1.58 1.46
C PRO C 50 -8.19 -2.02 2.49
N PHE C 51 -7.91 -1.82 3.78
CA PHE C 51 -8.87 -2.20 4.82
C PHE C 51 -9.94 -1.14 5.07
N LEU C 52 -9.70 0.10 4.66
CA LEU C 52 -10.55 1.22 5.07
C LEU C 52 -11.55 1.60 3.97
N ASP C 53 -12.60 2.29 4.41
CA ASP C 53 -13.59 2.89 3.54
C ASP C 53 -14.04 4.20 4.21
N GLY C 54 -13.18 5.21 4.13
CA GLY C 54 -13.38 6.42 4.89
C GLY C 54 -13.06 6.18 6.36
N TRP C 55 -14.09 6.22 7.21
CA TRP C 55 -13.92 5.93 8.63
C TRP C 55 -14.50 4.57 9.00
N GLU C 56 -15.08 3.86 8.03
CA GLU C 56 -15.59 2.51 8.20
C GLU C 56 -14.55 1.51 7.72
N LEU C 57 -14.62 0.31 8.24
CA LEU C 57 -13.88 -0.80 7.67
C LEU C 57 -14.52 -1.18 6.35
N ASN C 58 -13.69 -1.35 5.33
CA ASN C 58 -14.17 -1.80 4.03
C ASN C 58 -14.81 -3.19 4.19
N ALA C 59 -15.85 -3.44 3.39
CA ALA C 59 -16.67 -4.63 3.60
C ALA C 59 -15.90 -5.92 3.34
N GLN C 60 -14.99 -5.90 2.37
CA GLN C 60 -14.17 -7.10 2.14
C GLN C 60 -13.25 -7.35 3.33
N HIS C 61 -12.73 -6.30 3.94
CA HIS C 61 -11.89 -6.47 5.13
C HIS C 61 -12.69 -7.05 6.28
N VAL C 62 -13.92 -6.59 6.45
CA VAL C 62 -14.79 -7.13 7.49
C VAL C 62 -15.10 -8.59 7.20
N ASP C 63 -15.42 -8.91 5.94
CA ASP C 63 -15.58 -10.31 5.56
C ASP C 63 -14.33 -11.11 5.91
N MET C 64 -13.16 -10.53 5.71
CA MET C 64 -11.94 -11.26 6.01
C MET C 64 -11.84 -11.58 7.50
N ILE C 65 -11.82 -10.54 8.37
CA ILE C 65 -11.59 -10.77 9.81
C ILE C 65 -12.76 -11.49 10.45
N MET C 66 -13.99 -11.15 10.05
CA MET C 66 -15.15 -11.80 10.63
C MET C 66 -15.17 -13.29 10.30
N GLY C 67 -14.36 -13.72 9.33
CA GLY C 67 -14.14 -15.12 9.07
C GLY C 67 -12.69 -15.52 9.30
N SER C 68 -11.86 -14.60 9.78
CA SER C 68 -10.53 -14.96 10.23
C SER C 68 -10.64 -15.84 11.47
N HIS C 69 -9.52 -16.40 11.92
CA HIS C 69 -9.63 -17.15 13.16
C HIS C 69 -9.74 -16.24 14.39
N VAL C 70 -9.45 -14.94 14.26
CA VAL C 70 -9.61 -14.08 15.43
C VAL C 70 -11.08 -14.00 15.82
N LEU C 71 -12.01 -14.04 14.86
CA LEU C 71 -13.44 -13.96 15.15
C LEU C 71 -14.27 -15.13 14.63
N LYS C 72 -13.65 -16.14 13.99
CA LYS C 72 -14.30 -17.13 13.13
C LYS C 72 -15.68 -17.62 13.60
N ASP C 73 -15.75 -18.29 14.74
CA ASP C 73 -17.02 -18.91 15.13
C ASP C 73 -17.48 -18.44 16.50
N MET C 74 -17.15 -17.16 16.89
CA MET C 74 -17.57 -16.69 18.20
C MET C 74 -18.94 -16.05 18.11
N PRO C 75 -19.62 -15.92 19.26
CA PRO C 75 -20.90 -15.21 19.29
C PRO C 75 -20.75 -13.75 18.91
N LEU C 76 -21.87 -13.11 18.60
CA LEU C 76 -21.84 -11.70 18.21
C LEU C 76 -21.36 -10.82 19.37
N ARG C 77 -21.88 -11.07 20.58
CA ARG C 77 -21.43 -10.30 21.74
C ARG C 77 -19.92 -10.40 21.92
N LYS C 78 -19.36 -11.62 21.78
CA LYS C 78 -17.91 -11.81 21.92
C LYS C 78 -17.14 -11.18 20.77
N GLN C 79 -17.74 -11.12 19.57
CA GLN C 79 -17.04 -10.49 18.47
C GLN C 79 -16.95 -8.99 18.64
N ALA C 80 -17.98 -8.38 19.25
CA ALA C 80 -18.03 -6.95 19.46
C ALA C 80 -17.11 -6.53 20.60
N GLU C 81 -17.00 -7.35 21.64
CA GLU C 81 -16.06 -7.04 22.72
C GLU C 81 -14.62 -7.08 22.23
N ILE C 82 -14.31 -7.99 21.31
CA ILE C 82 -12.96 -8.05 20.76
C ILE C 82 -12.72 -6.86 19.84
N LEU C 83 -13.68 -6.58 18.96
CA LEU C 83 -13.57 -5.42 18.08
C LEU C 83 -13.43 -4.14 18.91
N PHE C 84 -14.15 -4.07 20.03
CA PHE C 84 -14.04 -2.92 20.91
C PHE C 84 -12.61 -2.74 21.44
N CYS C 85 -12.03 -3.82 21.97
CA CYS C 85 -10.68 -3.75 22.50
C CYS C 85 -9.66 -3.42 21.41
N LEU C 86 -9.86 -3.92 20.20
CA LEU C 86 -8.89 -3.60 19.16
C LEU C 86 -9.01 -2.15 18.72
N GLY C 87 -10.24 -1.61 18.74
CA GLY C 87 -10.40 -0.18 18.60
C GLY C 87 -9.60 0.58 19.63
N GLY C 88 -9.58 0.09 20.86
CA GLY C 88 -8.75 0.70 21.89
C GLY C 88 -7.26 0.48 21.65
N VAL C 89 -6.90 -0.68 21.12
CA VAL C 89 -5.51 -0.93 20.75
C VAL C 89 -5.04 0.17 19.80
N PHE C 90 -5.79 0.39 18.73
CA PHE C 90 -5.37 1.33 17.70
C PHE C 90 -5.57 2.76 18.11
N CYS C 91 -6.51 3.02 19.02
CA CYS C 91 -6.65 4.36 19.56
C CYS C 91 -5.41 4.75 20.37
N LYS C 92 -4.93 3.86 21.24
CA LYS C 92 -3.72 4.17 21.99
C LYS C 92 -2.52 4.31 21.06
N TYR C 93 -2.42 3.45 20.05
CA TYR C 93 -1.34 3.57 19.08
C TYR C 93 -1.26 4.97 18.49
N SER C 94 -2.40 5.61 18.31
CA SER C 94 -2.45 6.92 17.70
C SER C 94 -2.31 8.04 18.70
N SER C 95 -2.18 7.72 19.99
CA SER C 95 -2.14 8.73 21.03
C SER C 95 -0.71 9.20 21.23
N SER C 96 -0.58 10.26 22.05
CA SER C 96 0.72 10.82 22.37
C SER C 96 1.64 9.82 23.07
N ASP C 97 1.07 8.80 23.73
CA ASP C 97 1.90 7.82 24.41
C ASP C 97 2.64 6.91 23.44
N MET C 98 2.10 6.65 22.26
CA MET C 98 2.70 5.73 21.30
C MET C 98 3.15 6.49 20.05
N PHE C 99 2.43 6.38 18.94
CA PHE C 99 2.93 6.86 17.65
C PHE C 99 2.44 8.25 17.28
N GLY C 100 1.68 8.92 18.17
CA GLY C 100 1.26 10.29 17.98
C GLY C 100 1.90 11.25 18.99
N THR C 101 1.47 12.52 18.92
CA THR C 101 2.06 13.58 19.74
C THR C 101 1.02 14.33 20.54
N GLU C 102 1.42 15.45 21.15
CA GLU C 102 0.45 16.20 21.95
C GLU C 102 -0.67 16.70 21.06
N TYR C 103 -0.31 17.29 19.92
CA TYR C 103 -1.25 17.99 19.06
C TYR C 103 -1.50 17.31 17.73
N ASP C 104 -0.72 16.29 17.39
CA ASP C 104 -0.89 15.54 16.15
C ASP C 104 -1.02 14.05 16.45
N SER C 105 -1.37 13.28 15.44
CA SER C 105 -1.58 11.86 15.62
C SER C 105 -1.77 11.20 14.26
N PRO C 106 -1.26 9.98 14.04
CA PRO C 106 -1.34 9.38 12.71
C PRO C 106 -2.78 9.14 12.28
N GLU C 107 -3.25 9.90 11.28
CA GLU C 107 -4.66 9.91 10.90
C GLU C 107 -5.21 8.50 10.63
N ILE C 108 -4.48 7.70 9.86
CA ILE C 108 -5.02 6.41 9.41
C ILE C 108 -5.36 5.53 10.60
N LEU C 109 -4.49 5.50 11.62
CA LEU C 109 -4.74 4.70 12.81
C LEU C 109 -6.02 5.13 13.52
N ARG C 110 -6.24 6.46 13.64
CA ARG C 110 -7.53 6.95 14.15
C ARG C 110 -8.69 6.40 13.34
N ARG C 111 -8.52 6.31 12.03
CA ARG C 111 -9.59 5.82 11.16
C ARG C 111 -9.85 4.34 11.41
N TYR C 112 -8.80 3.54 11.48
CA TYR C 112 -8.97 2.10 11.71
C TYR C 112 -9.60 1.84 13.07
N ALA C 113 -9.12 2.54 14.12
CA ALA C 113 -9.79 2.42 15.42
C ALA C 113 -11.26 2.77 15.29
N ASN C 114 -11.55 3.86 14.58
CA ASN C 114 -12.94 4.23 14.36
C ASN C 114 -13.70 3.11 13.67
N GLY C 115 -13.15 2.60 12.56
CA GLY C 115 -13.77 1.47 11.89
C GLY C 115 -14.00 0.30 12.83
N LEU C 116 -13.01 0.00 13.66
CA LEU C 116 -13.18 -1.09 14.63
C LEU C 116 -14.34 -0.80 15.58
N ILE C 117 -14.40 0.43 16.13
CA ILE C 117 -15.48 0.83 17.02
C ILE C 117 -16.83 0.68 16.31
N GLU C 118 -16.94 1.17 15.08
CA GLU C 118 -18.23 1.07 14.40
C GLU C 118 -18.58 -0.39 14.09
N GLN C 119 -17.61 -1.16 13.62
CA GLN C 119 -17.86 -2.57 13.38
C GLN C 119 -18.31 -3.29 14.64
N ALA C 120 -17.89 -2.81 15.81
CA ALA C 120 -18.46 -3.33 17.05
C ALA C 120 -19.95 -3.04 17.13
N TYR C 121 -20.33 -1.76 16.96
CA TYR C 121 -21.74 -1.36 17.01
C TYR C 121 -22.59 -2.14 16.02
N LYS C 122 -22.06 -2.40 14.82
CA LYS C 122 -22.82 -3.20 13.86
C LYS C 122 -22.85 -4.70 14.18
N THR C 123 -22.15 -5.16 15.23
CA THR C 123 -22.12 -6.58 15.58
C THR C 123 -22.96 -6.86 16.82
N ASP C 124 -22.65 -6.18 17.94
CA ASP C 124 -23.50 -6.19 19.12
C ASP C 124 -23.35 -4.86 19.81
N PRO C 125 -24.28 -3.92 19.59
CA PRO C 125 -24.16 -2.59 20.21
C PRO C 125 -24.32 -2.59 21.74
N GLN C 126 -24.90 -3.63 22.36
CA GLN C 126 -25.00 -3.70 23.83
C GLN C 126 -23.67 -3.42 24.50
N VAL C 127 -22.57 -3.66 23.80
CA VAL C 127 -21.25 -3.58 24.40
C VAL C 127 -20.92 -2.14 24.86
N PHE C 128 -21.58 -1.13 24.31
CA PHE C 128 -21.22 0.26 24.63
C PHE C 128 -21.96 0.76 25.88
N GLY C 129 -23.03 0.08 26.26
CA GLY C 129 -23.86 0.53 27.40
C GLY C 129 -24.79 1.65 27.01
N SER C 130 -24.26 2.69 26.35
CA SER C 130 -25.06 3.86 25.94
C SER C 130 -24.67 4.34 24.55
N VAL C 131 -25.65 4.81 23.77
CA VAL C 131 -25.38 5.41 22.43
C VAL C 131 -24.53 6.67 22.65
N TYR C 132 -24.78 7.38 23.74
CA TYR C 132 -23.98 8.58 24.08
C TYR C 132 -22.52 8.21 24.22
N TYR C 133 -22.20 7.10 24.91
CA TYR C 133 -20.80 6.67 24.95
C TYR C 133 -20.29 6.39 23.54
N TYR C 134 -21.03 5.57 22.78
CA TYR C 134 -20.65 5.21 21.41
C TYR C 134 -20.47 6.45 20.52
N ASN C 135 -21.43 7.38 20.58
CA ASN C 135 -21.33 8.61 19.80
C ASN C 135 -20.11 9.44 20.20
N ASP C 136 -19.84 9.55 21.50
CA ASP C 136 -18.70 10.34 21.95
C ASP C 136 -17.38 9.74 21.47
N ILE C 137 -17.26 8.41 21.48
CA ILE C 137 -16.07 7.76 20.92
C ILE C 137 -15.88 8.17 19.45
N LEU C 138 -16.95 8.10 18.65
CA LEU C 138 -16.84 8.52 17.26
C LEU C 138 -16.51 10.02 17.17
N ASP C 139 -17.22 10.83 17.97
CA ASP C 139 -16.92 12.27 17.99
C ASP C 139 -15.47 12.52 18.32
N ARG C 140 -14.95 11.89 19.37
CA ARG C 140 -13.58 12.16 19.77
C ARG C 140 -12.59 11.63 18.73
N LEU C 141 -12.84 10.44 18.18
CA LEU C 141 -11.95 9.84 17.19
C LEU C 141 -11.89 10.71 15.93
N GLN C 142 -13.03 10.95 15.31
CA GLN C 142 -13.11 11.92 14.24
C GLN C 142 -12.89 13.30 14.87
N GLY C 143 -13.10 14.36 14.12
CA GLY C 143 -13.12 15.64 14.82
C GLY C 143 -14.50 16.23 15.00
N ARG C 144 -15.51 15.42 15.33
CA ARG C 144 -16.89 15.86 15.14
C ARG C 144 -17.37 16.69 16.34
N ASN C 145 -18.44 17.45 16.10
CA ASN C 145 -19.12 18.30 17.09
C ASN C 145 -18.20 19.10 18.01
N ASN C 146 -17.06 19.56 17.50
CA ASN C 146 -16.18 20.46 18.24
C ASN C 146 -15.77 19.89 19.60
N VAL C 147 -15.32 18.64 19.61
CA VAL C 147 -15.03 17.96 20.86
C VAL C 147 -13.50 17.84 21.01
N PHE C 148 -13.07 17.55 22.22
CA PHE C 148 -11.65 17.35 22.51
C PHE C 148 -11.20 16.03 21.88
N THR C 149 -10.18 16.09 21.02
CA THR C 149 -9.81 14.92 20.23
C THR C 149 -8.61 14.15 20.82
N CYS C 150 -8.26 14.35 22.09
CA CYS C 150 -7.05 13.71 22.61
C CYS C 150 -7.30 12.21 22.80
N THR C 151 -6.72 11.39 21.91
CA THR C 151 -6.92 9.95 22.02
C THR C 151 -6.22 9.34 23.24
N ALA C 152 -5.28 10.06 23.86
CA ALA C 152 -4.76 9.59 25.15
C ALA C 152 -5.88 9.51 26.17
N VAL C 153 -6.70 10.55 26.24
CA VAL C 153 -7.87 10.51 27.11
C VAL C 153 -8.80 9.38 26.68
N LEU C 154 -9.09 9.32 25.36
CA LEU C 154 -10.03 8.30 24.85
C LEU C 154 -9.54 6.88 25.15
N THR C 155 -8.23 6.65 25.12
CA THR C 155 -7.72 5.33 25.48
C THR C 155 -8.16 4.93 26.89
N ASP C 156 -7.94 5.81 27.88
CA ASP C 156 -8.40 5.53 29.24
C ASP C 156 -9.90 5.37 29.29
N MET C 157 -10.63 6.13 28.47
CA MET C 157 -12.09 5.98 28.44
C MET C 157 -12.49 4.64 27.84
N LEU C 158 -11.72 4.13 26.88
CA LEU C 158 -12.07 2.86 26.27
C LEU C 158 -11.61 1.68 27.13
N THR C 159 -10.42 1.76 27.72
CA THR C 159 -9.93 0.63 28.52
C THR C 159 -10.72 0.47 29.81
N GLU C 160 -11.02 1.56 30.51
CA GLU C 160 -11.74 1.45 31.81
C GLU C 160 -13.07 0.72 31.61
N HIS C 161 -13.77 1.02 30.52
CA HIS C 161 -15.08 0.38 30.23
C HIS C 161 -14.91 -1.12 29.98
N ALA C 162 -13.87 -1.52 29.27
CA ALA C 162 -13.62 -2.94 28.95
C ALA C 162 -13.31 -3.76 30.21
N LYS C 163 -12.48 -3.22 31.11
CA LYS C 163 -12.15 -3.96 32.35
C LYS C 163 -13.41 -4.17 33.18
N GLU C 164 -14.25 -3.15 33.28
CA GLU C 164 -15.52 -3.27 34.02
C GLU C 164 -16.56 -4.13 33.30
N SER C 165 -16.73 -3.97 32.00
CA SER C 165 -17.85 -4.65 31.29
C SER C 165 -17.53 -6.03 30.71
N PHE C 166 -16.30 -6.26 30.25
CA PHE C 166 -15.88 -7.55 29.63
C PHE C 166 -14.41 -7.79 29.99
N PRO C 167 -14.02 -8.04 31.25
CA PRO C 167 -12.59 -8.09 31.63
C PRO C 167 -11.85 -9.35 31.17
N GLU C 168 -12.55 -10.45 30.92
CA GLU C 168 -11.88 -11.62 30.37
C GLU C 168 -11.30 -11.32 28.99
N ILE C 169 -12.13 -10.74 28.11
CA ILE C 169 -11.69 -10.41 26.76
C ILE C 169 -10.62 -9.30 26.79
N PHE C 170 -10.88 -8.25 27.58
CA PHE C 170 -9.88 -7.19 27.71
C PHE C 170 -8.53 -7.76 28.16
N SER C 171 -8.57 -8.82 28.95
CA SER C 171 -7.36 -9.40 29.51
C SER C 171 -6.54 -10.13 28.45
N LEU C 172 -7.21 -10.62 27.41
CA LEU C 172 -6.54 -11.35 26.34
C LEU C 172 -6.35 -10.51 25.09
N TYR C 173 -7.11 -9.44 24.94
CA TYR C 173 -7.21 -8.73 23.67
C TYR C 173 -6.77 -7.30 23.78
N TYR C 174 -5.91 -6.98 24.76
CA TYR C 174 -5.34 -5.65 24.93
C TYR C 174 -3.98 -5.90 25.56
N PRO C 175 -2.94 -5.19 25.14
CA PRO C 175 -1.57 -5.61 25.50
C PRO C 175 -1.32 -5.40 26.99
N VAL C 176 -0.79 -6.44 27.62
CA VAL C 176 -0.65 -6.39 29.07
C VAL C 176 0.18 -5.18 29.50
N ALA C 177 1.15 -4.77 28.68
CA ALA C 177 1.98 -3.64 29.06
C ALA C 177 1.21 -2.32 29.07
N TRP C 178 0.02 -2.29 28.49
CA TRP C 178 -0.68 -1.04 28.27
C TRP C 178 -1.77 -0.77 29.29
N ARG C 179 -2.04 -1.69 30.20
CA ARG C 179 -2.99 -1.40 31.26
C ARG C 179 -2.31 -0.65 32.36
N MET D 1 -9.63 29.02 -11.06
CA MET D 1 -8.99 27.80 -11.54
C MET D 1 -9.29 26.62 -10.61
N GLN D 2 -9.44 25.45 -11.22
CA GLN D 2 -9.61 24.20 -10.48
C GLN D 2 -8.26 23.74 -9.93
N ILE D 3 -8.19 23.52 -8.61
CA ILE D 3 -7.14 22.69 -8.02
C ILE D 3 -7.78 21.49 -7.36
N PHE D 4 -6.99 20.44 -7.17
CA PHE D 4 -7.47 19.20 -6.58
C PHE D 4 -6.76 18.96 -5.26
N VAL D 5 -7.50 18.38 -4.30
CA VAL D 5 -6.98 18.14 -2.96
C VAL D 5 -7.27 16.69 -2.60
N LYS D 6 -6.24 15.96 -2.21
CA LYS D 6 -6.27 14.51 -2.05
C LYS D 6 -6.07 14.15 -0.58
N THR D 7 -6.94 13.29 -0.05
CA THR D 7 -6.82 12.87 1.34
C THR D 7 -5.97 11.62 1.42
N LEU D 8 -5.64 11.23 2.66
CA LEU D 8 -4.89 9.99 2.84
C LEU D 8 -5.69 8.80 2.33
N THR D 9 -6.99 8.76 2.62
CA THR D 9 -7.81 7.67 2.12
C THR D 9 -7.96 7.70 0.61
N GLY D 10 -7.51 8.77 -0.06
CA GLY D 10 -7.43 8.82 -1.50
C GLY D 10 -8.51 9.63 -2.18
N LYS D 11 -9.50 10.11 -1.42
CA LYS D 11 -10.57 10.93 -1.98
C LYS D 11 -10.04 12.29 -2.45
N THR D 12 -10.65 12.80 -3.51
CA THR D 12 -10.27 14.06 -4.14
C THR D 12 -11.40 15.07 -4.03
N ILE D 13 -11.06 16.25 -3.51
CA ILE D 13 -11.93 17.42 -3.46
C ILE D 13 -11.42 18.41 -4.50
N THR D 14 -12.31 19.01 -5.27
CA THR D 14 -11.90 20.04 -6.20
C THR D 14 -12.42 21.40 -5.72
N LEU D 15 -11.67 22.45 -6.05
CA LEU D 15 -11.97 23.80 -5.56
C LEU D 15 -11.81 24.83 -6.65
N GLU D 16 -12.74 25.79 -6.70
CA GLU D 16 -12.52 27.02 -7.47
C GLU D 16 -11.65 27.96 -6.65
N VAL D 17 -10.51 28.35 -7.20
CA VAL D 17 -9.56 29.22 -6.50
C VAL D 17 -8.91 30.17 -7.48
N GLU D 18 -8.31 31.21 -6.93
CA GLU D 18 -7.42 32.08 -7.67
C GLU D 18 -6.05 32.10 -7.01
N PRO D 19 -4.97 32.26 -7.77
CA PRO D 19 -3.63 32.28 -7.17
C PRO D 19 -3.51 33.25 -6.01
N SER D 20 -4.29 34.32 -6.01
CA SER D 20 -4.28 35.24 -4.87
C SER D 20 -4.76 34.58 -3.59
N ASP D 21 -5.41 33.42 -3.69
CA ASP D 21 -6.04 32.80 -2.53
C ASP D 21 -5.00 32.49 -1.46
N THR D 22 -5.27 32.93 -0.24
CA THR D 22 -4.43 32.57 0.88
C THR D 22 -4.71 31.13 1.32
N ILE D 23 -3.67 30.47 1.83
CA ILE D 23 -3.83 29.12 2.36
C ILE D 23 -4.95 29.10 3.39
N GLU D 24 -5.09 30.16 4.16
CA GLU D 24 -6.16 30.22 5.18
C GLU D 24 -7.53 30.11 4.51
N ASN D 25 -7.76 30.87 3.43
CA ASN D 25 -9.06 30.88 2.72
C ASN D 25 -9.36 29.52 2.09
N VAL D 26 -8.36 28.87 1.50
CA VAL D 26 -8.52 27.54 0.86
C VAL D 26 -8.96 26.53 1.93
N LYS D 27 -8.41 26.64 3.13
CA LYS D 27 -8.87 25.77 4.24
C LYS D 27 -10.34 26.04 4.53
N ALA D 28 -10.77 27.30 4.51
CA ALA D 28 -12.17 27.68 4.75
C ALA D 28 -13.05 27.13 3.63
N LYS D 29 -12.55 27.12 2.41
CA LYS D 29 -13.29 26.53 1.28
C LYS D 29 -13.46 25.03 1.52
N ILE D 30 -12.43 24.36 2.03
CA ILE D 30 -12.53 22.91 2.36
C ILE D 30 -13.57 22.71 3.47
N GLN D 31 -13.61 23.58 4.46
CA GLN D 31 -14.63 23.49 5.53
C GLN D 31 -16.03 23.66 4.94
N ASP D 32 -16.20 24.62 4.03
CA ASP D 32 -17.54 24.90 3.47
C ASP D 32 -18.04 23.70 2.65
N LYS D 33 -17.14 23.02 1.95
CA LYS D 33 -17.57 21.92 1.11
C LYS D 33 -17.39 20.55 1.74
N GLU D 34 -16.46 20.40 2.69
CA GLU D 34 -16.10 19.08 3.21
C GLU D 34 -16.38 18.88 4.70
N GLY D 35 -16.50 19.95 5.48
CA GLY D 35 -16.75 19.83 6.89
C GLY D 35 -15.54 19.75 7.76
N ILE D 36 -14.33 19.74 7.19
CA ILE D 36 -13.12 19.71 8.01
C ILE D 36 -12.77 21.12 8.49
N PRO D 37 -12.79 21.37 9.80
CA PRO D 37 -12.42 22.70 10.29
C PRO D 37 -10.97 22.98 9.99
N PRO D 38 -10.59 24.26 9.79
CA PRO D 38 -9.24 24.56 9.30
C PRO D 38 -8.12 24.21 10.28
N ASP D 39 -8.43 24.13 11.58
CA ASP D 39 -7.40 23.71 12.53
C ASP D 39 -7.17 22.19 12.54
N GLN D 40 -7.96 21.41 11.80
CA GLN D 40 -7.68 20.01 11.55
C GLN D 40 -6.96 19.77 10.23
N GLN D 41 -6.74 20.81 9.44
CA GLN D 41 -6.24 20.64 8.08
C GLN D 41 -4.73 20.83 8.04
N ARG D 42 -4.05 19.89 7.38
CA ARG D 42 -2.63 20.01 7.04
C ARG D 42 -2.53 19.88 5.52
N LEU D 43 -2.12 20.96 4.87
CA LEU D 43 -2.02 20.97 3.42
C LEU D 43 -0.55 20.89 3.01
N ILE D 44 -0.29 20.08 2.00
CA ILE D 44 1.06 19.87 1.47
C ILE D 44 0.99 20.09 -0.03
N PHE D 45 1.96 20.81 -0.57
CA PHE D 45 2.16 20.81 -2.02
C PHE D 45 3.61 20.52 -2.32
N ALA D 46 3.84 19.48 -3.12
CA ALA D 46 5.17 19.08 -3.56
C ALA D 46 6.08 18.75 -2.37
N GLY D 47 5.51 18.51 -1.19
CA GLY D 47 6.26 18.24 0.01
C GLY D 47 6.48 19.43 0.92
N LYS D 48 6.05 20.62 0.52
CA LYS D 48 6.16 21.80 1.37
C LYS D 48 4.85 21.97 2.14
N GLN D 49 4.93 22.01 3.47
CA GLN D 49 3.74 22.17 4.28
C GLN D 49 3.31 23.63 4.22
N LEU D 50 2.09 23.84 3.74
CA LEU D 50 1.65 25.16 3.31
C LEU D 50 1.22 26.03 4.50
N GLU D 51 1.96 27.11 4.74
CA GLU D 51 1.69 28.01 5.85
C GLU D 51 0.49 28.90 5.54
N ASP D 52 -0.21 29.31 6.60
CA ASP D 52 -1.52 29.96 6.42
C ASP D 52 -1.41 31.26 5.63
N GLY D 53 -0.55 32.18 6.09
CA GLY D 53 -0.53 33.52 5.54
C GLY D 53 -0.18 33.56 4.06
N ARG D 54 0.76 32.73 3.63
CA ARG D 54 1.19 32.78 2.25
C ARG D 54 0.06 32.34 1.33
N THR D 55 0.21 32.59 0.04
CA THR D 55 -0.87 32.41 -0.92
C THR D 55 -0.59 31.23 -1.83
N LEU D 56 -1.59 30.88 -2.64
CA LEU D 56 -1.40 29.81 -3.62
C LEU D 56 -0.25 30.12 -4.57
N SER D 57 -0.09 31.41 -4.93
CA SER D 57 1.01 31.79 -5.82
C SER D 57 2.36 31.61 -5.15
N ASP D 58 2.48 31.99 -3.88
CA ASP D 58 3.75 31.89 -3.18
C ASP D 58 4.30 30.46 -3.14
N TYR D 59 3.52 29.46 -3.57
CA TYR D 59 3.97 28.07 -3.58
C TYR D 59 4.01 27.47 -4.97
N ASN D 60 3.74 28.26 -6.01
CA ASN D 60 3.72 27.84 -7.42
C ASN D 60 2.52 26.97 -7.75
N ILE D 61 1.52 26.91 -6.86
CA ILE D 61 0.31 26.15 -7.14
C ILE D 61 -0.41 26.76 -8.33
N GLN D 62 -0.71 25.94 -9.34
CA GLN D 62 -1.28 26.40 -10.60
C GLN D 62 -2.51 25.55 -10.94
N LYS D 63 -3.18 25.95 -12.01
CA LYS D 63 -4.40 25.27 -12.44
C LYS D 63 -4.17 23.77 -12.52
N GLU D 64 -5.17 23.02 -12.03
CA GLU D 64 -5.19 21.55 -12.04
C GLU D 64 -4.04 20.94 -11.24
N SER D 65 -3.38 21.73 -10.40
CA SER D 65 -2.42 21.17 -9.45
C SER D 65 -3.14 20.34 -8.40
N THR D 66 -2.43 19.36 -7.85
CA THR D 66 -2.98 18.56 -6.75
C THR D 66 -2.23 18.88 -5.46
N LEU D 67 -3.00 19.16 -4.41
CA LEU D 67 -2.47 19.29 -3.06
C LEU D 67 -2.91 18.07 -2.25
N HIS D 68 -2.37 17.96 -1.04
CA HIS D 68 -2.64 16.80 -0.20
C HIS D 68 -3.09 17.23 1.19
N LEU D 69 -4.15 16.60 1.67
CA LEU D 69 -4.74 16.94 2.99
C LEU D 69 -4.47 15.84 4.00
N VAL D 70 -3.80 16.17 5.10
CA VAL D 70 -3.61 15.18 6.19
C VAL D 70 -4.31 15.76 7.43
N LEU D 71 -5.17 14.97 8.07
CA LEU D 71 -5.94 15.48 9.22
C LEU D 71 -5.04 15.67 10.44
N ARG D 72 -5.20 16.79 11.13
CA ARG D 72 -4.43 17.07 12.35
C ARG D 72 -5.39 16.94 13.52
N LEU D 73 -5.30 15.82 14.22
CA LEU D 73 -6.17 15.57 15.39
C LEU D 73 -5.21 15.26 16.52
N ARG D 74 -5.57 15.58 17.76
CA ARG D 74 -4.61 15.49 18.87
C ARG D 74 -4.34 14.08 19.38
N GLY D 75 -3.07 13.76 19.59
CA GLY D 75 -2.75 12.50 20.25
C GLY D 75 -2.87 12.57 21.77
#